data_6BRL
#
_entry.id   6BRL
#
_cell.length_a   43.260
_cell.length_b   111.890
_cell.length_c   130.170
_cell.angle_alpha   90.000
_cell.angle_beta   90.000
_cell.angle_gamma   90.000
#
_symmetry.space_group_name_H-M   'P 21 21 21'
#
loop_
_entity.id
_entity.type
_entity.pdbx_description
1 polymer 'Glutamate tRNA ligase'
2 non-polymer 'GLUTAMIC ACID'
3 non-polymer 1,2-ETHANEDIOL
4 water water
#
_entity_poly.entity_id   1
_entity_poly.type   'polypeptide(L)'
_entity_poly.pdbx_seq_one_letter_code
;MAHHHHHHMEKVRVRFAPSPTGPLHLGGVRTALYDYLFAKHNGGDFILRIEDTDTQRYVPGSEEYIMEALEWIGMVPDES
PKHGGPYAPYRQSERRDIYDRYTEQILKTDYAYLAFDTPEELDQIRAEFEARGDVFAYNYETRNRLRNSISLPEEEVKKL
LEEKTPYVIRFKMPLDRIINLNDIIRGKFSVNTNTLDDKVLVKNDGMPTYHFANIIDDHEMKITHVIRGEEWLPSMALHV
LLYEAMGWDAPEFAHLSLILKPEGKGKLSKRDGDKFGFPVFPLNFTDSATGNTSAGYREEGYLPEAFINMVAMLGWSPAD
NKEIVSMDEMIKEFDLNKVHKAGARFSAEKAKWFNQQYLQLMSNEAILPEFKKVLAENNVEVSDEKALKIIGLMKERATF
VKDIYNDGKFFFHAPESFDEKASKKAWSPETAVLMQELTEAISSLDFKAEIIKESIHHLAEAKGLGMGKVMMPLRLSLVG
ELKGPDVPDLMEMIGKEETISRINKAIETLK
;
_entity_poly.pdbx_strand_id   A
#
loop_
_chem_comp.id
_chem_comp.type
_chem_comp.name
_chem_comp.formula
EDO non-polymer 1,2-ETHANEDIOL 'C2 H6 O2'
#
# COMPACT_ATOMS: atom_id res chain seq x y z
N GLU A 10 2.77 30.95 -7.38
CA GLU A 10 2.76 29.59 -7.93
C GLU A 10 2.09 28.60 -6.99
N LYS A 11 0.85 28.20 -7.29
CA LYS A 11 0.14 27.23 -6.46
C LYS A 11 0.81 25.86 -6.58
N VAL A 12 1.05 25.21 -5.45
CA VAL A 12 1.68 23.88 -5.49
C VAL A 12 0.76 22.90 -6.20
N ARG A 13 1.32 22.12 -7.14
CA ARG A 13 0.54 21.10 -7.84
C ARG A 13 1.40 19.84 -7.98
N VAL A 14 0.89 18.70 -7.49
CA VAL A 14 1.59 17.41 -7.57
C VAL A 14 0.69 16.41 -8.28
N ARG A 15 1.30 15.36 -8.85
CA ARG A 15 0.52 14.32 -9.53
C ARG A 15 1.07 12.95 -9.18
N PHE A 16 0.16 12.06 -8.81
CA PHE A 16 0.43 10.62 -8.77
C PHE A 16 0.19 10.11 -10.19
N ALA A 17 1.20 9.52 -10.82
CA ALA A 17 1.17 9.19 -12.24
C ALA A 17 1.46 7.70 -12.46
N PRO A 18 0.70 6.79 -11.86
CA PRO A 18 0.97 5.38 -12.07
C PRO A 18 0.55 4.95 -13.47
N SER A 19 1.31 3.99 -14.03
CA SER A 19 0.91 3.27 -15.23
CA SER A 19 0.90 3.27 -15.22
C SER A 19 -0.05 2.13 -14.85
N PRO A 20 -1.04 1.82 -15.73
CA PRO A 20 -2.03 0.78 -15.36
C PRO A 20 -1.46 -0.63 -15.51
N THR A 21 -0.50 -0.99 -14.66
CA THR A 21 0.18 -2.27 -14.84
C THR A 21 -0.02 -3.20 -13.65
N GLY A 22 -1.15 -3.12 -12.98
CA GLY A 22 -1.40 -4.00 -11.87
C GLY A 22 -1.81 -3.28 -10.60
N PRO A 23 -1.96 -4.04 -9.51
CA PRO A 23 -2.31 -3.42 -8.22
C PRO A 23 -1.21 -2.47 -7.73
N LEU A 24 -1.63 -1.52 -6.88
CA LEU A 24 -0.68 -0.62 -6.23
C LEU A 24 0.13 -1.36 -5.18
N HIS A 25 1.46 -1.33 -5.29
CA HIS A 25 2.25 -1.82 -4.16
C HIS A 25 2.34 -0.74 -3.07
N LEU A 26 2.85 -1.15 -1.91
CA LEU A 26 3.04 -0.22 -0.80
C LEU A 26 3.85 0.99 -1.20
N GLY A 27 4.92 0.79 -2.01
CA GLY A 27 5.70 1.93 -2.47
C GLY A 27 4.84 2.92 -3.22
N GLY A 28 3.94 2.42 -4.04
CA GLY A 28 3.05 3.33 -4.77
C GLY A 28 2.07 4.04 -3.87
N VAL A 29 1.52 3.32 -2.86
CA VAL A 29 0.64 3.97 -1.90
C VAL A 29 1.38 5.09 -1.18
N ARG A 30 2.62 4.83 -0.77
CA ARG A 30 3.39 5.85 -0.05
C ARG A 30 3.68 7.04 -0.94
N THR A 31 3.97 6.83 -2.23
CA THR A 31 4.20 7.99 -3.10
C THR A 31 2.93 8.83 -3.23
N ALA A 32 1.78 8.16 -3.43
CA ALA A 32 0.50 8.87 -3.51
C ALA A 32 0.25 9.66 -2.24
N LEU A 33 0.48 9.02 -1.09
CA LEU A 33 0.30 9.68 0.20
C LEU A 33 1.19 10.91 0.32
N TYR A 34 2.48 10.78 -0.01
CA TYR A 34 3.31 11.97 0.19
C TYR A 34 2.92 13.05 -0.82
N ASP A 35 2.47 12.66 -2.03
CA ASP A 35 1.89 13.65 -2.95
C ASP A 35 0.75 14.39 -2.27
N TYR A 36 -0.22 13.64 -1.78
CA TYR A 36 -1.42 14.20 -1.16
C TYR A 36 -1.06 15.12 0.02
N LEU A 37 -0.21 14.63 0.94
CA LEU A 37 0.18 15.42 2.11
C LEU A 37 0.88 16.72 1.72
N PHE A 38 1.85 16.62 0.82
CA PHE A 38 2.56 17.82 0.40
C PHE A 38 1.59 18.84 -0.20
N ALA A 39 0.68 18.37 -1.04
CA ALA A 39 -0.26 19.28 -1.70
C ALA A 39 -1.18 19.93 -0.68
N LYS A 40 -1.79 19.12 0.20
CA LYS A 40 -2.74 19.64 1.16
C LYS A 40 -2.04 20.52 2.18
N HIS A 41 -0.83 20.15 2.59
CA HIS A 41 -0.07 20.97 3.54
C HIS A 41 0.17 22.35 2.98
N ASN A 42 0.28 22.46 1.66
CA ASN A 42 0.59 23.72 1.00
C ASN A 42 -0.63 24.37 0.37
N GLY A 43 -1.83 23.87 0.65
CA GLY A 43 -3.01 24.46 0.02
C GLY A 43 -3.10 24.25 -1.48
N GLY A 44 -2.50 23.18 -2.02
CA GLY A 44 -2.43 22.97 -3.45
C GLY A 44 -3.27 21.79 -3.90
N ASP A 45 -3.00 21.33 -5.15
CA ASP A 45 -3.80 20.34 -5.86
C ASP A 45 -3.07 19.02 -6.03
N PHE A 46 -3.86 17.95 -5.98
CA PHE A 46 -3.41 16.57 -6.00
C PHE A 46 -4.04 15.96 -7.25
N ILE A 47 -3.22 15.66 -8.25
CA ILE A 47 -3.72 15.25 -9.56
C ILE A 47 -3.43 13.76 -9.71
N LEU A 48 -4.37 13.01 -10.33
CA LEU A 48 -4.10 11.64 -10.76
C LEU A 48 -4.01 11.64 -12.29
N ARG A 49 -2.86 11.23 -12.84
CA ARG A 49 -2.69 11.08 -14.29
C ARG A 49 -2.41 9.61 -14.60
N ILE A 50 -3.20 9.03 -15.50
CA ILE A 50 -3.04 7.61 -15.82
C ILE A 50 -2.07 7.49 -16.99
N GLU A 51 -0.96 6.77 -16.79
CA GLU A 51 0.19 6.80 -17.72
C GLU A 51 0.14 5.54 -18.58
N ASP A 52 -0.76 5.56 -19.55
CA ASP A 52 -1.12 4.35 -20.27
C ASP A 52 -0.64 4.42 -21.72
N THR A 53 0.57 4.93 -21.95
CA THR A 53 1.08 5.04 -23.32
C THR A 53 1.57 3.71 -23.87
N ASP A 54 1.92 2.75 -23.01
CA ASP A 54 2.44 1.45 -23.45
C ASP A 54 1.29 0.45 -23.43
N THR A 55 0.67 0.26 -24.59
CA THR A 55 -0.54 -0.54 -24.63
C THR A 55 -0.27 -2.03 -24.33
N GLN A 56 0.92 -2.53 -24.64
CA GLN A 56 1.20 -3.96 -24.44
C GLN A 56 1.44 -4.33 -22.97
N ARG A 57 1.83 -3.39 -22.13
CA ARG A 57 2.02 -3.63 -20.70
C ARG A 57 0.76 -3.35 -19.89
N TYR A 58 -0.35 -3.05 -20.55
CA TYR A 58 -1.58 -2.68 -19.86
C TYR A 58 -2.19 -3.87 -19.11
N VAL A 59 -2.53 -3.66 -17.85
CA VAL A 59 -3.17 -4.72 -17.07
C VAL A 59 -4.61 -4.32 -16.80
N PRO A 60 -5.58 -5.03 -17.41
CA PRO A 60 -7.00 -4.72 -17.18
C PRO A 60 -7.34 -4.60 -15.68
N GLY A 61 -8.15 -3.58 -15.34
CA GLY A 61 -8.60 -3.34 -13.99
C GLY A 61 -7.69 -2.47 -13.12
N SER A 62 -6.53 -2.05 -13.65
CA SER A 62 -5.58 -1.30 -12.82
C SER A 62 -6.17 0.05 -12.42
N GLU A 63 -6.82 0.72 -13.36
CA GLU A 63 -7.26 2.07 -13.08
C GLU A 63 -8.41 2.06 -12.07
N GLU A 64 -9.31 1.08 -12.19
CA GLU A 64 -10.37 0.96 -11.19
C GLU A 64 -9.77 0.69 -9.81
N TYR A 65 -8.80 -0.21 -9.76
CA TYR A 65 -8.15 -0.54 -8.49
C TYR A 65 -7.56 0.71 -7.86
N ILE A 66 -6.87 1.51 -8.66
CA ILE A 66 -6.23 2.73 -8.15
C ILE A 66 -7.26 3.66 -7.52
N MET A 67 -8.34 3.95 -8.26
CA MET A 67 -9.38 4.83 -7.72
C MET A 67 -9.96 4.24 -6.44
N GLU A 68 -10.23 2.94 -6.44
CA GLU A 68 -10.82 2.33 -5.25
C GLU A 68 -9.88 2.37 -4.05
N ALA A 69 -8.57 2.16 -4.27
CA ALA A 69 -7.63 2.20 -3.15
C ALA A 69 -7.51 3.60 -2.59
N LEU A 70 -7.43 4.61 -3.47
CA LEU A 70 -7.32 5.99 -3.00
C LEU A 70 -8.57 6.39 -2.20
N GLU A 71 -9.75 5.97 -2.68
CA GLU A 71 -11.00 6.23 -1.97
C GLU A 71 -11.04 5.53 -0.61
N TRP A 72 -10.60 4.27 -0.55
CA TRP A 72 -10.58 3.58 0.74
C TRP A 72 -9.70 4.31 1.74
N ILE A 73 -8.54 4.80 1.28
CA ILE A 73 -7.58 5.47 2.14
CA ILE A 73 -7.61 5.45 2.19
C ILE A 73 -8.06 6.87 2.51
N GLY A 74 -8.87 7.49 1.67
CA GLY A 74 -9.33 8.82 1.95
C GLY A 74 -8.51 9.89 1.26
N MET A 75 -7.89 9.59 0.12
CA MET A 75 -7.14 10.63 -0.57
C MET A 75 -7.61 10.70 -2.01
N VAL A 76 -8.72 11.37 -2.20
CA VAL A 76 -9.38 11.43 -3.50
C VAL A 76 -8.71 12.53 -4.33
N PRO A 77 -8.30 12.25 -5.57
CA PRO A 77 -7.64 13.30 -6.39
C PRO A 77 -8.58 14.46 -6.69
N ASP A 78 -8.05 15.69 -6.64
CA ASP A 78 -8.80 16.86 -7.09
C ASP A 78 -9.06 16.84 -8.59
N GLU A 79 -8.19 16.19 -9.35
CA GLU A 79 -8.28 16.11 -10.81
C GLU A 79 -7.91 14.67 -11.20
N SER A 80 -8.66 14.08 -12.14
CA SER A 80 -8.42 12.70 -12.50
C SER A 80 -9.27 12.32 -13.71
N PRO A 81 -9.03 11.17 -14.32
CA PRO A 81 -9.92 10.73 -15.40
C PRO A 81 -11.37 10.65 -14.97
N LYS A 82 -11.62 10.05 -13.79
CA LYS A 82 -12.98 9.87 -13.26
C LYS A 82 -13.66 11.20 -12.99
N HIS A 83 -12.94 12.14 -12.37
CA HIS A 83 -13.55 13.39 -11.91
C HIS A 83 -13.49 14.52 -12.92
N GLY A 84 -12.57 14.49 -13.88
CA GLY A 84 -12.33 15.65 -14.73
C GLY A 84 -11.32 16.62 -14.14
N GLY A 85 -11.31 17.85 -14.68
CA GLY A 85 -10.44 18.92 -14.22
C GLY A 85 -9.98 19.79 -15.37
N PRO A 86 -9.26 20.87 -15.06
CA PRO A 86 -8.96 21.88 -16.10
C PRO A 86 -7.88 21.49 -17.09
N TYR A 87 -7.26 20.30 -16.94
CA TYR A 87 -6.27 19.83 -17.91
C TYR A 87 -6.65 18.45 -18.46
N ALA A 88 -7.92 18.12 -18.43
CA ALA A 88 -8.42 16.90 -19.08
C ALA A 88 -8.00 16.87 -20.54
N PRO A 89 -7.76 15.69 -21.13
CA PRO A 89 -7.90 14.33 -20.58
C PRO A 89 -6.78 13.99 -19.61
N TYR A 90 -7.07 13.21 -18.56
CA TYR A 90 -6.06 12.80 -17.60
C TYR A 90 -5.51 11.40 -17.86
N ARG A 91 -5.90 10.75 -18.96
CA ARG A 91 -5.22 9.55 -19.45
C ARG A 91 -4.31 9.95 -20.60
N GLN A 92 -3.06 9.50 -20.57
CA GLN A 92 -2.14 9.89 -21.63
C GLN A 92 -2.52 9.30 -22.99
N SER A 93 -3.18 8.14 -23.02
CA SER A 93 -3.63 7.61 -24.29
C SER A 93 -4.60 8.55 -25.01
N GLU A 94 -5.22 9.48 -24.28
CA GLU A 94 -6.20 10.39 -24.87
C GLU A 94 -5.60 11.76 -25.23
N ARG A 95 -4.28 11.90 -25.17
CA ARG A 95 -3.59 13.18 -25.32
C ARG A 95 -2.71 13.22 -26.57
N ARG A 96 -3.00 12.36 -27.57
CA ARG A 96 -2.11 12.21 -28.74
C ARG A 96 -1.97 13.52 -29.52
N ASP A 97 -3.06 14.29 -29.66
CA ASP A 97 -2.91 15.54 -30.41
C ASP A 97 -1.93 16.47 -29.70
N ILE A 98 -1.90 16.46 -28.37
CA ILE A 98 -0.93 17.28 -27.65
C ILE A 98 0.49 16.81 -27.97
N TYR A 99 0.73 15.50 -27.89
CA TYR A 99 2.09 15.00 -28.11
C TYR A 99 2.49 15.19 -29.58
N ASP A 100 1.53 15.09 -30.51
CA ASP A 100 1.83 15.35 -31.92
C ASP A 100 2.37 16.76 -32.13
N ARG A 101 1.73 17.77 -31.53
CA ARG A 101 2.20 19.14 -31.75
C ARG A 101 3.56 19.36 -31.09
N TYR A 102 3.80 18.78 -29.91
CA TYR A 102 5.10 19.03 -29.27
C TYR A 102 6.22 18.23 -29.93
N THR A 103 5.89 17.09 -30.53
CA THR A 103 6.85 16.39 -31.38
C THR A 103 7.34 17.25 -32.54
N GLU A 104 6.41 17.88 -33.26
CA GLU A 104 6.80 18.82 -34.30
C GLU A 104 7.71 19.92 -33.75
N GLN A 105 7.39 20.44 -32.56
CA GLN A 105 8.24 21.47 -31.96
C GLN A 105 9.65 20.94 -31.69
N ILE A 106 9.78 19.77 -31.07
CA ILE A 106 11.15 19.39 -30.72
C ILE A 106 11.98 19.08 -31.97
N LEU A 107 11.33 18.61 -33.04
CA LEU A 107 12.04 18.32 -34.28
C LEU A 107 12.57 19.59 -34.96
N LYS A 108 12.10 20.77 -34.57
CA LYS A 108 12.70 21.99 -35.09
C LYS A 108 13.98 22.35 -34.38
N THR A 109 14.36 21.60 -33.35
CA THR A 109 15.57 21.90 -32.61
C THR A 109 16.65 20.92 -33.01
N ASP A 110 17.83 21.12 -32.43
CA ASP A 110 18.99 20.26 -32.57
C ASP A 110 19.00 19.14 -31.52
N TYR A 111 17.93 19.00 -30.73
CA TYR A 111 17.96 18.07 -29.62
C TYR A 111 17.32 16.74 -29.98
N ALA A 112 16.77 16.60 -31.19
CA ALA A 112 16.06 15.37 -31.52
C ALA A 112 16.33 15.04 -32.97
N TYR A 113 16.31 13.75 -33.29
CA TYR A 113 16.54 13.33 -34.67
C TYR A 113 15.73 12.06 -34.95
N LEU A 114 15.73 11.64 -36.23
CA LEU A 114 14.95 10.50 -36.71
CA LEU A 114 14.95 10.50 -36.72
C LEU A 114 15.84 9.27 -36.82
N ALA A 115 15.34 8.11 -36.38
CA ALA A 115 16.17 6.89 -36.45
C ALA A 115 15.37 5.77 -37.10
N PHE A 116 15.91 5.22 -38.20
CA PHE A 116 15.20 4.25 -39.03
C PHE A 116 15.62 2.80 -38.76
N ASP A 117 16.53 2.56 -37.81
CA ASP A 117 17.04 1.22 -37.61
C ASP A 117 15.90 0.26 -37.30
N THR A 118 15.90 -0.88 -37.98
CA THR A 118 14.88 -1.89 -37.70
C THR A 118 15.23 -2.65 -36.43
N PRO A 119 14.23 -3.29 -35.81
CA PRO A 119 14.55 -4.09 -34.62
C PRO A 119 15.50 -5.24 -34.91
N GLU A 120 15.50 -5.82 -36.11
CA GLU A 120 16.49 -6.85 -36.44
C GLU A 120 17.89 -6.25 -36.54
N GLU A 121 18.04 -5.07 -37.13
CA GLU A 121 19.35 -4.42 -37.16
C GLU A 121 19.87 -4.15 -35.74
N LEU A 122 19.00 -3.68 -34.82
CA LEU A 122 19.48 -3.38 -33.47
C LEU A 122 19.78 -4.66 -32.70
N ASP A 123 19.03 -5.74 -32.96
CA ASP A 123 19.32 -7.04 -32.33
C ASP A 123 20.70 -7.53 -32.70
N GLN A 124 21.06 -7.36 -33.96
CA GLN A 124 22.36 -7.77 -34.48
C GLN A 124 23.50 -7.00 -33.80
N ILE A 125 23.43 -5.68 -33.75
CA ILE A 125 24.56 -4.97 -33.16
C ILE A 125 24.63 -5.23 -31.66
N ARG A 126 23.49 -5.36 -30.98
CA ARG A 126 23.49 -5.76 -29.58
C ARG A 126 24.21 -7.09 -29.37
N ALA A 127 23.95 -8.06 -30.25
CA ALA A 127 24.59 -9.36 -30.10
C ALA A 127 26.08 -9.30 -30.38
N GLU A 128 26.49 -8.49 -31.36
CA GLU A 128 27.92 -8.30 -31.60
C GLU A 128 28.61 -7.69 -30.39
N PHE A 129 28.03 -6.67 -29.76
CA PHE A 129 28.64 -6.12 -28.55
C PHE A 129 28.70 -7.18 -27.45
N GLU A 130 27.56 -7.81 -27.18
CA GLU A 130 27.51 -8.81 -26.11
C GLU A 130 28.62 -9.85 -26.27
N ALA A 131 28.81 -10.36 -27.49
CA ALA A 131 29.81 -11.39 -27.71
C ALA A 131 31.20 -10.96 -27.26
N ARG A 132 31.47 -9.65 -27.27
CA ARG A 132 32.75 -9.09 -26.86
C ARG A 132 32.79 -8.70 -25.39
N GLY A 133 31.72 -8.91 -24.64
CA GLY A 133 31.72 -8.45 -23.26
C GLY A 133 31.31 -6.99 -23.11
N ASP A 134 30.71 -6.39 -24.13
CA ASP A 134 30.30 -5.01 -24.15
C ASP A 134 28.78 -4.91 -24.13
N VAL A 135 28.28 -3.73 -23.78
CA VAL A 135 26.85 -3.46 -23.83
C VAL A 135 26.62 -2.38 -24.89
N PHE A 136 25.82 -2.68 -25.89
CA PHE A 136 25.52 -1.67 -26.90
C PHE A 136 24.63 -0.57 -26.34
N ALA A 137 25.03 0.68 -26.57
CA ALA A 137 24.11 1.81 -26.37
C ALA A 137 24.05 2.65 -27.64
N TYR A 138 22.86 3.12 -27.95
CA TYR A 138 22.66 4.07 -29.04
C TYR A 138 23.03 5.47 -28.54
N ASN A 139 24.19 5.98 -28.92
CA ASN A 139 24.66 7.18 -28.21
C ASN A 139 25.60 7.96 -29.12
N TYR A 140 26.36 8.89 -28.53
CA TYR A 140 27.26 9.73 -29.31
C TYR A 140 28.35 8.90 -30.01
N GLU A 141 28.72 7.74 -29.45
CA GLU A 141 29.78 6.92 -30.07
C GLU A 141 29.27 6.02 -31.19
N THR A 142 28.00 5.64 -31.18
CA THR A 142 27.52 4.69 -32.18
C THR A 142 26.59 5.31 -33.21
N ARG A 143 26.01 6.49 -32.94
CA ARG A 143 24.93 6.98 -33.79
C ARG A 143 25.41 7.23 -35.22
N ASN A 144 26.70 7.51 -35.39
CA ASN A 144 27.17 7.83 -36.74
C ASN A 144 27.39 6.60 -37.59
N ARG A 145 27.47 5.40 -37.01
CA ARG A 145 27.49 4.17 -37.79
C ARG A 145 26.09 3.57 -38.01
N LEU A 146 25.04 4.20 -37.46
CA LEU A 146 23.71 3.59 -37.53
C LEU A 146 22.87 4.32 -38.58
N ARG A 147 21.56 4.04 -38.63
CA ARG A 147 20.72 4.52 -39.73
CA ARG A 147 20.72 4.53 -39.72
C ARG A 147 19.72 5.57 -39.20
N ASN A 148 20.12 6.85 -39.30
CA ASN A 148 19.31 7.92 -38.71
C ASN A 148 19.58 9.23 -39.46
N SER A 149 18.86 10.28 -39.09
CA SER A 149 18.97 11.55 -39.82
C SER A 149 20.26 12.31 -39.50
N ILE A 150 21.10 11.85 -38.56
CA ILE A 150 22.42 12.43 -38.37
C ILE A 150 23.43 11.75 -39.28
N SER A 151 23.32 10.42 -39.40
CA SER A 151 24.29 9.68 -40.21
C SER A 151 23.93 9.61 -41.67
N LEU A 152 22.62 9.78 -42.04
CA LEU A 152 22.32 9.60 -43.47
C LEU A 152 22.11 10.95 -44.16
N PRO A 153 22.49 11.07 -45.44
CA PRO A 153 22.25 12.32 -46.18
C PRO A 153 20.77 12.68 -46.18
N GLU A 154 20.50 13.99 -46.30
CA GLU A 154 19.13 14.50 -46.26
C GLU A 154 18.29 13.91 -47.40
N GLU A 155 18.90 13.67 -48.56
CA GLU A 155 18.10 13.15 -49.67
C GLU A 155 17.70 11.71 -49.42
N GLU A 156 18.57 10.92 -48.75
CA GLU A 156 18.20 9.57 -48.36
CA GLU A 156 18.17 9.57 -48.39
C GLU A 156 17.06 9.58 -47.34
N VAL A 157 17.15 10.48 -46.34
CA VAL A 157 16.08 10.60 -45.35
C VAL A 157 14.75 10.94 -46.02
N LYS A 158 14.75 11.87 -47.00
CA LYS A 158 13.52 12.16 -47.73
C LYS A 158 12.99 10.92 -48.46
N LYS A 159 13.89 10.15 -49.11
CA LYS A 159 13.46 8.96 -49.81
C LYS A 159 12.80 7.97 -48.84
N LEU A 160 13.47 7.69 -47.71
CA LEU A 160 12.92 6.81 -46.69
C LEU A 160 11.55 7.29 -46.22
N LEU A 161 11.41 8.59 -45.98
CA LEU A 161 10.14 9.12 -45.53
C LEU A 161 9.07 8.96 -46.61
N GLU A 162 9.42 9.25 -47.85
CA GLU A 162 8.50 9.09 -48.97
CA GLU A 162 8.45 9.11 -48.93
C GLU A 162 7.95 7.67 -49.06
N GLU A 163 8.80 6.68 -48.81
CA GLU A 163 8.43 5.26 -48.84
C GLU A 163 7.72 4.81 -47.55
N LYS A 164 7.47 5.72 -46.61
CA LYS A 164 6.78 5.37 -45.36
C LYS A 164 7.61 4.39 -44.52
N THR A 165 8.94 4.55 -44.54
CA THR A 165 9.83 3.76 -43.67
C THR A 165 9.59 4.10 -42.20
N PRO A 166 9.30 3.13 -41.33
CA PRO A 166 9.02 3.48 -39.93
C PRO A 166 10.25 4.11 -39.28
N TYR A 167 10.00 5.03 -38.34
CA TYR A 167 11.14 5.59 -37.62
C TYR A 167 10.72 5.93 -36.20
N VAL A 168 11.72 6.03 -35.32
CA VAL A 168 11.49 6.58 -33.99
C VAL A 168 12.18 7.92 -33.94
N ILE A 169 11.85 8.71 -32.92
CA ILE A 169 12.51 9.97 -32.64
C ILE A 169 13.37 9.80 -31.41
N ARG A 170 14.66 10.13 -31.51
CA ARG A 170 15.58 10.00 -30.38
C ARG A 170 16.06 11.38 -29.93
N PHE A 171 16.35 11.48 -28.65
CA PHE A 171 17.01 12.66 -28.09
C PHE A 171 18.47 12.63 -28.46
N LYS A 172 19.02 13.77 -28.90
CA LYS A 172 20.45 13.84 -29.24
C LYS A 172 21.24 14.36 -28.04
N MET A 173 21.89 13.45 -27.32
CA MET A 173 22.65 13.82 -26.11
C MET A 173 23.78 14.75 -26.47
N PRO A 174 23.95 15.86 -25.75
CA PRO A 174 25.13 16.72 -25.93
C PRO A 174 26.42 15.96 -25.59
N LEU A 175 27.52 16.45 -26.14
CA LEU A 175 28.82 15.83 -25.91
C LEU A 175 29.45 16.40 -24.64
N ASP A 176 29.84 15.50 -23.74
CA ASP A 176 30.76 15.81 -22.64
C ASP A 176 30.27 16.99 -21.79
N ARG A 177 29.03 16.93 -21.36
CA ARG A 177 28.44 18.06 -20.66
C ARG A 177 28.07 17.65 -19.24
N ILE A 178 28.48 18.44 -18.26
CA ILE A 178 28.16 18.14 -16.85
C ILE A 178 26.80 18.73 -16.52
N ILE A 179 25.86 17.90 -16.08
CA ILE A 179 24.52 18.30 -15.69
C ILE A 179 24.51 18.26 -14.16
N ASN A 180 24.38 19.43 -13.52
CA ASN A 180 24.32 19.53 -12.06
C ASN A 180 22.86 19.52 -11.64
N LEU A 181 22.47 18.51 -10.85
CA LEU A 181 21.06 18.28 -10.49
C LEU A 181 20.85 18.51 -8.99
N ASN A 182 19.60 18.76 -8.63
CA ASN A 182 19.21 19.06 -7.25
C ASN A 182 17.94 18.30 -6.95
N ASP A 183 18.01 17.37 -6.00
CA ASP A 183 16.84 16.63 -5.54
C ASP A 183 16.53 16.98 -4.07
N ILE A 184 15.23 17.15 -3.78
CA ILE A 184 14.84 17.54 -2.42
C ILE A 184 15.30 16.51 -1.41
N ILE A 185 15.23 15.22 -1.77
CA ILE A 185 15.59 14.20 -0.81
CA ILE A 185 15.57 14.12 -0.88
C ILE A 185 17.04 13.78 -0.97
N ARG A 186 17.53 13.63 -2.20
CA ARG A 186 18.86 13.10 -2.41
C ARG A 186 19.95 14.17 -2.47
N GLY A 187 19.59 15.45 -2.52
CA GLY A 187 20.59 16.51 -2.51
C GLY A 187 21.16 16.74 -3.90
N LYS A 188 22.37 17.31 -3.93
CA LYS A 188 23.03 17.71 -5.18
CA LYS A 188 23.03 17.71 -5.18
C LYS A 188 23.90 16.58 -5.73
N PHE A 189 23.84 16.40 -7.04
CA PHE A 189 24.74 15.44 -7.69
C PHE A 189 24.86 15.82 -9.16
N SER A 190 25.87 15.26 -9.81
CA SER A 190 26.17 15.61 -11.20
CA SER A 190 26.16 15.62 -11.19
C SER A 190 26.25 14.36 -12.06
N VAL A 191 25.94 14.54 -13.34
CA VAL A 191 25.91 13.49 -14.34
C VAL A 191 26.54 14.07 -15.59
N ASN A 192 27.56 13.39 -16.14
CA ASN A 192 28.10 13.75 -17.44
C ASN A 192 27.26 13.11 -18.56
N THR A 193 26.86 13.89 -19.56
CA THR A 193 26.01 13.34 -20.65
C THR A 193 26.69 12.22 -21.42
N ASN A 194 28.03 12.13 -21.39
CA ASN A 194 28.68 11.01 -22.08
C ASN A 194 28.42 9.68 -21.37
N THR A 195 27.74 9.68 -20.23
CA THR A 195 27.25 8.44 -19.63
C THR A 195 25.84 8.09 -20.07
N LEU A 196 25.16 8.93 -20.85
CA LEU A 196 23.75 8.77 -21.14
C LEU A 196 23.57 8.45 -22.64
N ASP A 197 22.45 7.86 -22.98
CA ASP A 197 22.29 7.52 -24.40
C ASP A 197 21.20 8.38 -25.03
N ASP A 198 21.00 8.18 -26.34
CA ASP A 198 20.09 8.93 -27.19
C ASP A 198 18.72 8.27 -27.08
N LYS A 199 18.06 8.54 -25.95
CA LYS A 199 16.83 7.83 -25.60
C LYS A 199 15.71 8.05 -26.62
N VAL A 200 14.91 7.01 -26.85
CA VAL A 200 13.76 7.15 -27.74
C VAL A 200 12.72 8.02 -27.05
N LEU A 201 12.27 9.08 -27.73
CA LEU A 201 11.22 9.97 -27.26
C LEU A 201 9.88 9.68 -27.89
N VAL A 202 9.85 9.24 -29.14
CA VAL A 202 8.59 8.92 -29.81
C VAL A 202 8.75 7.58 -30.53
N LYS A 203 7.81 6.67 -30.30
CA LYS A 203 7.83 5.34 -30.87
C LYS A 203 7.38 5.40 -32.31
N ASN A 204 7.47 4.26 -33.01
CA ASN A 204 7.28 4.35 -34.44
C ASN A 204 5.81 4.40 -34.83
N ASP A 205 4.90 4.45 -33.87
CA ASP A 205 3.50 4.73 -34.16
C ASP A 205 3.11 6.15 -33.75
N GLY A 206 4.08 6.97 -33.39
CA GLY A 206 3.79 8.33 -32.96
C GLY A 206 3.46 8.49 -31.50
N MET A 207 3.40 7.43 -30.76
CA MET A 207 3.13 7.54 -29.31
C MET A 207 4.43 7.90 -28.59
N PRO A 208 4.45 8.98 -27.80
CA PRO A 208 5.64 9.27 -27.00
C PRO A 208 5.98 8.11 -26.06
N THR A 209 7.26 8.01 -25.71
CA THR A 209 7.66 7.17 -24.58
C THR A 209 7.36 7.89 -23.27
N TYR A 210 7.49 7.14 -22.17
CA TYR A 210 7.26 7.70 -20.86
C TYR A 210 8.02 9.02 -20.66
N HIS A 211 9.29 9.07 -21.09
CA HIS A 211 10.12 10.24 -20.76
C HIS A 211 9.56 11.51 -21.37
N PHE A 212 9.17 11.44 -22.64
CA PHE A 212 8.71 12.63 -23.33
C PHE A 212 7.29 12.99 -22.86
N ALA A 213 6.40 11.99 -22.79
CA ALA A 213 5.05 12.29 -22.32
C ALA A 213 5.06 12.93 -20.95
N ASN A 214 5.98 12.52 -20.07
CA ASN A 214 6.05 13.00 -18.68
CA ASN A 214 5.89 13.04 -18.73
C ASN A 214 6.35 14.49 -18.62
N ILE A 215 7.42 14.91 -19.29
CA ILE A 215 7.80 16.33 -19.23
C ILE A 215 6.78 17.18 -19.98
N ILE A 216 6.20 16.66 -21.08
CA ILE A 216 5.11 17.38 -21.75
C ILE A 216 3.93 17.57 -20.80
N ASP A 217 3.51 16.51 -20.13
CA ASP A 217 2.30 16.64 -19.31
C ASP A 217 2.58 17.35 -17.98
N ASP A 218 3.76 17.18 -17.40
CA ASP A 218 4.09 17.97 -16.21
C ASP A 218 4.12 19.45 -16.55
N HIS A 219 4.60 19.80 -17.75
CA HIS A 219 4.57 21.20 -18.18
C HIS A 219 3.13 21.69 -18.38
N GLU A 220 2.34 20.93 -19.15
CA GLU A 220 0.98 21.37 -19.49
C GLU A 220 0.08 21.44 -18.26
N MET A 221 0.24 20.51 -17.33
CA MET A 221 -0.59 20.44 -16.12
C MET A 221 -0.08 21.34 -14.98
N LYS A 222 0.91 22.20 -15.25
CA LYS A 222 1.46 23.15 -14.28
C LYS A 222 1.94 22.47 -13.00
N ILE A 223 2.59 21.31 -13.15
CA ILE A 223 3.12 20.60 -11.98
C ILE A 223 4.31 21.37 -11.42
N THR A 224 4.32 21.61 -10.10
CA THR A 224 5.46 22.27 -9.47
C THR A 224 6.43 21.32 -8.78
N HIS A 225 5.97 20.17 -8.29
CA HIS A 225 6.83 19.24 -7.56
C HIS A 225 6.54 17.82 -8.02
N VAL A 226 7.56 17.11 -8.51
CA VAL A 226 7.47 15.74 -8.97
C VAL A 226 8.05 14.89 -7.85
N ILE A 227 7.20 14.06 -7.23
CA ILE A 227 7.63 13.15 -6.16
C ILE A 227 7.46 11.73 -6.69
N ARG A 228 8.55 10.98 -6.77
CA ARG A 228 8.48 9.63 -7.32
C ARG A 228 9.60 8.79 -6.71
N GLY A 229 9.59 7.49 -7.05
CA GLY A 229 10.60 6.59 -6.52
C GLY A 229 11.98 6.77 -7.15
N GLU A 230 12.99 6.33 -6.40
CA GLU A 230 14.37 6.42 -6.86
C GLU A 230 14.67 5.60 -8.11
N GLU A 231 13.80 4.69 -8.53
CA GLU A 231 14.10 4.01 -9.78
C GLU A 231 14.19 4.98 -10.97
N TRP A 232 13.57 6.15 -10.86
CA TRP A 232 13.59 7.17 -11.89
C TRP A 232 14.79 8.11 -11.77
N LEU A 233 15.59 7.99 -10.73
CA LEU A 233 16.74 8.89 -10.58
C LEU A 233 17.71 8.87 -11.77
N PRO A 234 18.11 7.73 -12.33
CA PRO A 234 19.01 7.77 -13.49
C PRO A 234 18.42 8.46 -14.73
N SER A 235 17.13 8.75 -14.76
CA SER A 235 16.47 9.46 -15.85
C SER A 235 16.36 10.96 -15.61
N MET A 236 16.71 11.44 -14.42
CA MET A 236 16.47 12.85 -14.12
C MET A 236 17.25 13.80 -15.05
N ALA A 237 18.52 13.50 -15.30
CA ALA A 237 19.31 14.32 -16.23
C ALA A 237 18.62 14.46 -17.58
N LEU A 238 18.15 13.34 -18.14
CA LEU A 238 17.44 13.40 -19.43
C LEU A 238 16.21 14.28 -19.32
N HIS A 239 15.43 14.13 -18.24
CA HIS A 239 14.22 14.95 -18.12
C HIS A 239 14.54 16.43 -18.03
N VAL A 240 15.53 16.81 -17.24
CA VAL A 240 15.97 18.21 -17.17
C VAL A 240 16.40 18.69 -18.55
N LEU A 241 17.10 17.87 -19.30
CA LEU A 241 17.53 18.26 -20.64
C LEU A 241 16.37 18.34 -21.62
N LEU A 242 15.30 17.55 -21.42
CA LEU A 242 14.11 17.73 -22.26
C LEU A 242 13.40 19.05 -21.98
N TYR A 243 13.28 19.44 -20.69
CA TYR A 243 12.74 20.78 -20.42
C TYR A 243 13.58 21.83 -21.15
N GLU A 244 14.88 21.69 -21.07
CA GLU A 244 15.77 22.64 -21.75
C GLU A 244 15.51 22.67 -23.25
N ALA A 245 15.39 21.48 -23.87
CA ALA A 245 15.13 21.41 -25.32
C ALA A 245 13.82 22.09 -25.70
N MET A 246 12.79 22.00 -24.85
CA MET A 246 11.51 22.60 -25.16
C MET A 246 11.43 24.09 -24.79
N GLY A 247 12.45 24.64 -24.13
CA GLY A 247 12.40 26.03 -23.72
C GLY A 247 11.64 26.27 -22.43
N TRP A 248 11.59 25.29 -21.54
CA TRP A 248 10.70 25.29 -20.38
C TRP A 248 11.51 25.18 -19.09
N ASP A 249 10.92 25.62 -17.98
CA ASP A 249 11.55 25.44 -16.67
C ASP A 249 11.07 24.14 -16.06
N ALA A 250 12.00 23.37 -15.52
CA ALA A 250 11.67 22.09 -14.90
C ALA A 250 11.07 22.30 -13.51
N PRO A 251 10.19 21.39 -13.07
CA PRO A 251 9.68 21.43 -11.70
C PRO A 251 10.76 21.04 -10.72
N GLU A 252 10.46 21.07 -9.43
CA GLU A 252 11.34 20.49 -8.42
C GLU A 252 11.10 18.98 -8.37
N PHE A 253 12.12 18.22 -7.94
CA PHE A 253 12.03 16.76 -7.85
C PHE A 253 12.34 16.29 -6.44
N ALA A 254 11.66 15.21 -6.03
CA ALA A 254 11.96 14.51 -4.76
C ALA A 254 11.93 13.02 -5.02
N HIS A 255 13.04 12.32 -4.82
CA HIS A 255 13.07 10.89 -5.16
C HIS A 255 13.10 10.06 -3.89
N LEU A 256 12.10 9.18 -3.72
CA LEU A 256 11.94 8.37 -2.50
C LEU A 256 12.70 7.05 -2.62
N SER A 257 13.45 6.71 -1.58
CA SER A 257 14.16 5.43 -1.58
C SER A 257 13.19 4.26 -1.41
N LEU A 258 13.53 3.15 -2.05
CA LEU A 258 12.67 1.95 -2.04
C LEU A 258 12.52 1.40 -0.63
N ILE A 259 11.33 0.91 -0.31
CA ILE A 259 11.09 0.22 0.96
C ILE A 259 11.93 -1.05 1.00
N LEU A 260 12.60 -1.27 2.13
CA LEU A 260 13.48 -2.42 2.34
C LEU A 260 12.74 -3.62 2.93
N LYS A 261 13.32 -4.82 2.69
CA LYS A 261 12.83 -6.07 3.26
C LYS A 261 12.79 -6.01 4.79
N PRO A 262 11.90 -6.79 5.42
CA PRO A 262 11.99 -6.94 6.89
C PRO A 262 13.38 -7.33 7.33
N GLU A 263 13.97 -8.34 6.69
CA GLU A 263 15.30 -8.82 7.05
C GLU A 263 16.15 -8.99 5.78
N GLY A 264 17.46 -8.79 5.94
CA GLY A 264 18.40 -9.04 4.87
C GLY A 264 18.43 -7.91 3.85
N LYS A 265 19.43 -7.97 2.98
CA LYS A 265 19.59 -6.94 1.95
C LYS A 265 18.44 -7.03 0.95
N GLY A 266 18.19 -5.90 0.29
CA GLY A 266 17.31 -5.84 -0.85
C GLY A 266 16.01 -5.11 -0.55
N LYS A 267 15.24 -4.89 -1.62
CA LYS A 267 13.98 -4.18 -1.60
C LYS A 267 12.80 -5.10 -1.22
N LEU A 268 11.77 -4.52 -0.61
CA LEU A 268 10.54 -5.26 -0.33
C LEU A 268 9.86 -5.64 -1.65
N SER A 269 9.41 -6.89 -1.75
CA SER A 269 8.70 -7.39 -2.92
C SER A 269 7.48 -8.22 -2.48
N LYS A 270 6.61 -8.53 -3.44
CA LYS A 270 5.49 -9.43 -3.15
C LYS A 270 5.98 -10.79 -2.64
N ARG A 271 7.10 -11.30 -3.19
CA ARG A 271 7.63 -12.57 -2.72
C ARG A 271 7.87 -12.57 -1.21
N ASP A 272 8.22 -11.41 -0.62
CA ASP A 272 8.44 -11.35 0.83
C ASP A 272 7.13 -11.56 1.58
N GLY A 273 6.08 -10.84 1.16
CA GLY A 273 4.79 -10.98 1.81
C GLY A 273 4.23 -12.38 1.70
N ASP A 274 4.37 -13.01 0.54
CA ASP A 274 3.97 -14.42 0.43
C ASP A 274 4.77 -15.26 1.40
N LYS A 275 6.10 -15.17 1.32
CA LYS A 275 6.98 -16.04 2.09
C LYS A 275 6.73 -15.90 3.61
N PHE A 276 6.42 -14.69 4.09
CA PHE A 276 6.27 -14.45 5.54
C PHE A 276 4.85 -14.23 6.01
N GLY A 277 3.85 -14.28 5.15
CA GLY A 277 2.49 -14.09 5.64
C GLY A 277 2.08 -12.67 6.01
N PHE A 278 2.19 -11.72 5.08
CA PHE A 278 1.64 -10.39 5.29
C PHE A 278 1.18 -9.85 3.94
N PRO A 279 0.12 -9.05 3.91
CA PRO A 279 -0.37 -8.55 2.63
C PRO A 279 0.56 -7.50 2.07
N VAL A 280 0.48 -7.30 0.77
CA VAL A 280 1.36 -6.37 0.07
C VAL A 280 0.61 -5.27 -0.69
N PHE A 281 -0.68 -5.42 -0.94
CA PHE A 281 -1.53 -4.50 -1.68
C PHE A 281 -2.61 -3.98 -0.75
N PRO A 282 -3.08 -2.74 -0.92
CA PRO A 282 -4.14 -2.25 -0.02
C PRO A 282 -5.44 -3.05 -0.16
N LEU A 283 -5.76 -3.54 -1.36
CA LEU A 283 -7.01 -4.24 -1.59
C LEU A 283 -6.76 -5.54 -2.33
N ASN A 284 -7.76 -6.43 -2.29
CA ASN A 284 -7.72 -7.68 -3.02
C ASN A 284 -7.36 -7.40 -4.47
N PHE A 285 -6.64 -8.33 -5.08
CA PHE A 285 -6.51 -8.25 -6.52
C PHE A 285 -6.33 -9.63 -7.09
N THR A 286 -7.04 -9.90 -8.19
CA THR A 286 -7.07 -11.20 -8.83
C THR A 286 -6.30 -11.19 -10.13
N ASP A 287 -5.27 -12.02 -10.21
CA ASP A 287 -4.41 -12.11 -11.40
C ASP A 287 -5.16 -12.79 -12.54
N SER A 288 -5.13 -12.17 -13.71
CA SER A 288 -5.74 -12.81 -14.87
C SER A 288 -5.04 -14.13 -15.24
N ALA A 289 -3.70 -14.10 -15.28
CA ALA A 289 -2.86 -15.18 -15.80
C ALA A 289 -2.86 -16.42 -14.93
N THR A 290 -3.45 -16.37 -13.73
CA THR A 290 -3.48 -17.53 -12.84
C THR A 290 -4.88 -17.75 -12.29
N GLY A 291 -5.70 -16.71 -12.27
CA GLY A 291 -6.90 -16.73 -11.46
C GLY A 291 -6.68 -16.58 -9.97
N ASN A 292 -5.46 -16.29 -9.52
CA ASN A 292 -5.15 -16.18 -8.09
C ASN A 292 -5.52 -14.80 -7.55
N THR A 293 -6.01 -14.77 -6.31
CA THR A 293 -6.38 -13.54 -5.63
C THR A 293 -5.43 -13.27 -4.47
N SER A 294 -4.77 -12.12 -4.51
CA SER A 294 -3.91 -11.66 -3.42
C SER A 294 -4.73 -10.77 -2.50
N ALA A 295 -4.93 -11.22 -1.25
CA ALA A 295 -5.82 -10.52 -0.30
C ALA A 295 -5.23 -9.17 0.11
N GLY A 296 -6.09 -8.16 0.20
CA GLY A 296 -5.59 -6.85 0.55
C GLY A 296 -5.55 -6.65 2.04
N TYR A 297 -4.87 -5.59 2.45
CA TYR A 297 -5.00 -5.11 3.82
C TYR A 297 -6.47 -4.92 4.21
N ARG A 298 -7.26 -4.34 3.31
CA ARG A 298 -8.65 -4.06 3.63
C ARG A 298 -9.38 -5.34 4.01
N GLU A 299 -9.32 -6.33 3.13
CA GLU A 299 -10.06 -7.56 3.32
C GLU A 299 -9.53 -8.35 4.50
N GLU A 300 -8.28 -8.14 4.89
CA GLU A 300 -7.78 -8.81 6.08
C GLU A 300 -8.15 -8.12 7.37
N GLY A 301 -8.87 -6.99 7.30
CA GLY A 301 -9.39 -6.35 8.50
C GLY A 301 -8.61 -5.15 8.99
N TYR A 302 -7.58 -4.70 8.26
CA TYR A 302 -6.89 -3.47 8.64
C TYR A 302 -7.79 -2.25 8.46
N LEU A 303 -7.82 -1.38 9.45
CA LEU A 303 -8.50 -0.11 9.29
C LEU A 303 -7.70 0.80 8.36
N PRO A 304 -8.35 1.54 7.43
CA PRO A 304 -7.55 2.39 6.52
C PRO A 304 -6.70 3.40 7.27
N GLU A 305 -7.21 3.95 8.39
CA GLU A 305 -6.46 4.95 9.15
C GLU A 305 -5.18 4.37 9.71
N ALA A 306 -5.23 3.12 10.18
CA ALA A 306 -4.06 2.45 10.72
C ALA A 306 -3.08 2.08 9.60
N PHE A 307 -3.60 1.56 8.48
CA PHE A 307 -2.77 1.22 7.33
C PHE A 307 -2.00 2.44 6.84
N ILE A 308 -2.68 3.58 6.70
CA ILE A 308 -1.99 4.71 6.08
C ILE A 308 -1.05 5.35 7.07
N ASN A 309 -1.37 5.27 8.37
CA ASN A 309 -0.42 5.73 9.39
C ASN A 309 0.86 4.90 9.32
N MET A 310 0.69 3.59 9.12
CA MET A 310 1.85 2.71 9.01
C MET A 310 2.70 3.06 7.79
N VAL A 311 2.05 3.28 6.64
CA VAL A 311 2.77 3.55 5.40
C VAL A 311 3.52 4.89 5.53
N ALA A 312 2.87 5.89 6.14
CA ALA A 312 3.47 7.21 6.33
C ALA A 312 4.81 7.13 7.04
N MET A 313 4.94 6.21 8.00
CA MET A 313 6.15 6.14 8.82
C MET A 313 7.31 5.49 8.12
N LEU A 314 7.11 4.92 6.94
CA LEU A 314 8.22 4.34 6.18
C LEU A 314 9.04 5.45 5.49
N GLY A 315 9.62 6.32 6.31
CA GLY A 315 10.50 7.35 5.78
C GLY A 315 10.20 8.74 6.31
N TRP A 316 9.12 8.90 7.08
CA TRP A 316 8.79 10.22 7.59
C TRP A 316 8.56 10.14 9.09
N SER A 317 9.21 11.06 9.82
CA SER A 317 9.12 11.13 11.28
C SER A 317 8.20 12.29 11.64
N PRO A 318 7.01 12.03 12.22
CA PRO A 318 6.14 13.14 12.64
C PRO A 318 6.87 14.15 13.54
N ALA A 319 6.99 15.41 13.08
CA ALA A 319 7.78 16.44 13.75
C ALA A 319 7.39 16.66 15.22
N ASP A 320 6.16 16.26 15.61
CA ASP A 320 5.67 16.31 16.98
C ASP A 320 5.99 15.06 17.78
N ASN A 321 6.65 14.06 17.20
CA ASN A 321 7.12 12.85 17.90
C ASN A 321 6.00 11.87 18.26
N LYS A 322 4.77 12.05 17.80
CA LYS A 322 3.73 11.06 18.05
C LYS A 322 3.75 9.96 16.98
N GLU A 323 3.61 8.70 17.42
CA GLU A 323 3.53 7.57 16.47
C GLU A 323 2.17 7.52 15.80
N ILE A 324 1.13 7.83 16.56
CA ILE A 324 -0.25 7.69 16.08
C ILE A 324 -0.69 9.05 15.55
N VAL A 325 -0.97 9.13 14.25
CA VAL A 325 -1.30 10.44 13.72
C VAL A 325 -2.36 10.28 12.63
N SER A 326 -3.34 11.19 12.63
CA SER A 326 -4.43 11.10 11.69
C SER A 326 -4.07 11.75 10.37
N MET A 327 -4.88 11.49 9.35
CA MET A 327 -4.67 12.14 8.06
C MET A 327 -4.58 13.64 8.22
N ASP A 328 -5.55 14.24 8.90
CA ASP A 328 -5.53 15.70 9.01
C ASP A 328 -4.31 16.21 9.79
N GLU A 329 -3.82 15.44 10.79
CA GLU A 329 -2.64 15.92 11.52
C GLU A 329 -1.38 15.72 10.70
N MET A 330 -1.37 14.67 9.86
CA MET A 330 -0.26 14.53 8.94
C MET A 330 -0.21 15.71 7.97
N ILE A 331 -1.37 16.12 7.44
CA ILE A 331 -1.40 17.26 6.53
C ILE A 331 -0.78 18.49 7.19
N LYS A 332 -1.12 18.74 8.46
CA LYS A 332 -0.60 19.91 9.16
C LYS A 332 0.90 19.77 9.42
N GLU A 333 1.40 18.56 9.64
CA GLU A 333 2.76 18.28 10.11
C GLU A 333 3.77 18.01 8.98
N PHE A 334 3.32 17.55 7.82
CA PHE A 334 4.23 16.95 6.84
C PHE A 334 5.20 17.97 6.24
N ASP A 335 6.49 17.62 6.26
CA ASP A 335 7.57 18.44 5.69
C ASP A 335 8.33 17.51 4.76
N LEU A 336 8.17 17.71 3.46
CA LEU A 336 8.87 16.86 2.52
C LEU A 336 10.40 16.95 2.70
N ASN A 337 10.89 18.07 3.23
CA ASN A 337 12.33 18.22 3.47
C ASN A 337 12.84 17.32 4.59
N LYS A 338 11.96 16.80 5.43
CA LYS A 338 12.38 15.89 6.49
C LYS A 338 12.18 14.42 6.13
N VAL A 339 11.75 14.11 4.91
CA VAL A 339 11.62 12.71 4.54
C VAL A 339 13.02 12.13 4.41
N HIS A 340 13.26 11.00 5.05
CA HIS A 340 14.61 10.46 5.13
C HIS A 340 15.06 9.91 3.77
N LYS A 341 16.35 10.04 3.51
CA LYS A 341 16.98 9.41 2.36
C LYS A 341 17.30 7.93 2.63
N ALA A 342 17.62 7.56 3.87
CA ALA A 342 17.85 6.16 4.17
C ALA A 342 16.58 5.34 3.96
N GLY A 343 16.74 4.13 3.41
CA GLY A 343 15.57 3.26 3.19
C GLY A 343 14.97 2.78 4.50
N ALA A 344 13.66 2.62 4.50
CA ALA A 344 12.93 2.17 5.68
C ALA A 344 12.55 0.70 5.52
N ARG A 345 12.77 -0.09 6.57
CA ARG A 345 12.40 -1.49 6.55
C ARG A 345 10.91 -1.68 6.85
N PHE A 346 10.22 -2.46 6.02
CA PHE A 346 8.84 -2.81 6.33
C PHE A 346 8.83 -3.74 7.56
N SER A 347 7.76 -3.67 8.34
CA SER A 347 7.61 -4.53 9.53
C SER A 347 6.18 -4.98 9.61
N ALA A 348 5.94 -6.27 9.41
CA ALA A 348 4.59 -6.79 9.50
C ALA A 348 4.07 -6.63 10.91
N GLU A 349 4.93 -6.85 11.90
CA GLU A 349 4.48 -6.72 13.28
C GLU A 349 4.06 -5.29 13.55
N LYS A 350 4.81 -4.31 13.02
CA LYS A 350 4.45 -2.91 13.23
C LYS A 350 3.09 -2.59 12.62
N ALA A 351 2.78 -3.15 11.44
CA ALA A 351 1.47 -2.92 10.85
C ALA A 351 0.36 -3.45 11.74
N LYS A 352 0.56 -4.63 12.32
CA LYS A 352 -0.44 -5.16 13.25
C LYS A 352 -0.55 -4.29 14.50
N TRP A 353 0.59 -3.81 14.97
CA TRP A 353 0.60 -2.94 16.14
C TRP A 353 -0.24 -1.70 15.91
N PHE A 354 -0.05 -1.04 14.75
CA PHE A 354 -0.88 0.11 14.42
C PHE A 354 -2.37 -0.25 14.44
N ASN A 355 -2.75 -1.41 13.88
CA ASN A 355 -4.18 -1.71 13.86
C ASN A 355 -4.71 -1.91 15.27
N GLN A 356 -3.96 -2.61 16.12
CA GLN A 356 -4.38 -2.78 17.51
C GLN A 356 -4.52 -1.45 18.22
N GLN A 357 -3.58 -0.52 17.99
CA GLN A 357 -3.62 0.80 18.62
C GLN A 357 -4.85 1.57 18.17
N TYR A 358 -5.14 1.57 16.88
CA TYR A 358 -6.33 2.24 16.39
C TYR A 358 -7.61 1.60 16.93
N LEU A 359 -7.64 0.28 17.01
CA LEU A 359 -8.83 -0.40 17.56
C LEU A 359 -9.13 0.03 19.00
N GLN A 360 -8.09 0.21 19.84
CA GLN A 360 -8.32 0.70 21.22
C GLN A 360 -8.83 2.12 21.23
N LEU A 361 -8.46 2.93 20.26
CA LEU A 361 -8.97 4.30 20.24
C LEU A 361 -10.39 4.38 19.69
N MET A 362 -10.97 3.27 19.24
CA MET A 362 -12.36 3.31 18.77
C MET A 362 -13.32 3.07 19.93
N SER A 363 -14.41 3.83 19.97
CA SER A 363 -15.43 3.53 20.96
C SER A 363 -16.11 2.21 20.66
N ASN A 364 -16.70 1.63 21.69
CA ASN A 364 -17.41 0.35 21.49
C ASN A 364 -18.49 0.51 20.43
N GLU A 365 -19.19 1.67 20.45
CA GLU A 365 -20.22 1.98 19.46
C GLU A 365 -19.64 2.04 18.04
N ALA A 366 -18.41 2.59 17.90
CA ALA A 366 -17.84 2.69 16.55
C ALA A 366 -17.45 1.32 16.02
N ILE A 367 -17.15 0.37 16.91
CA ILE A 367 -16.79 -0.98 16.51
C ILE A 367 -18.04 -1.79 16.21
N LEU A 368 -19.15 -1.42 16.85
CA LEU A 368 -20.33 -2.27 16.86
C LEU A 368 -20.84 -2.61 15.47
N PRO A 369 -20.92 -1.67 14.50
CA PRO A 369 -21.40 -2.05 13.15
C PRO A 369 -20.61 -3.17 12.50
N GLU A 370 -19.29 -3.06 12.47
CA GLU A 370 -18.49 -4.14 11.87
C GLU A 370 -18.58 -5.40 12.71
N PHE A 371 -18.66 -5.29 14.04
CA PHE A 371 -18.78 -6.51 14.85
C PHE A 371 -20.05 -7.24 14.52
N LYS A 372 -21.14 -6.49 14.30
CA LYS A 372 -22.39 -7.13 13.97
C LYS A 372 -22.32 -7.84 12.61
N LYS A 373 -21.57 -7.28 11.66
CA LYS A 373 -21.40 -7.95 10.36
C LYS A 373 -20.69 -9.26 10.56
N VAL A 374 -19.65 -9.28 11.38
CA VAL A 374 -18.94 -10.51 11.71
C VAL A 374 -19.90 -11.52 12.35
N LEU A 375 -20.66 -11.10 13.37
CA LEU A 375 -21.62 -12.00 14.01
C LEU A 375 -22.57 -12.60 12.97
N ALA A 376 -23.06 -11.76 12.05
CA ALA A 376 -24.01 -12.25 11.06
C ALA A 376 -23.38 -13.29 10.14
N GLU A 377 -22.13 -13.06 9.68
CA GLU A 377 -21.45 -14.03 8.83
C GLU A 377 -21.28 -15.37 9.51
N ASN A 378 -21.18 -15.37 10.84
CA ASN A 378 -21.12 -16.62 11.60
C ASN A 378 -22.48 -17.08 12.10
N ASN A 379 -23.58 -16.50 11.61
CA ASN A 379 -24.91 -16.96 11.96
C ASN A 379 -25.18 -16.93 13.45
N VAL A 380 -24.78 -15.84 14.11
CA VAL A 380 -25.14 -15.66 15.50
C VAL A 380 -25.75 -14.27 15.67
N GLU A 381 -26.55 -14.10 16.73
CA GLU A 381 -27.19 -12.83 17.05
C GLU A 381 -27.07 -12.61 18.55
N VAL A 382 -26.84 -11.36 18.96
CA VAL A 382 -26.91 -10.99 20.36
C VAL A 382 -27.41 -9.55 20.43
N SER A 383 -28.00 -9.17 21.58
CA SER A 383 -28.49 -7.80 21.71
C SER A 383 -27.34 -6.79 21.55
N ASP A 384 -27.68 -5.61 21.03
CA ASP A 384 -26.70 -4.54 20.95
C ASP A 384 -26.03 -4.32 22.31
N GLU A 385 -26.80 -4.34 23.39
CA GLU A 385 -26.24 -4.05 24.70
C GLU A 385 -25.17 -5.07 25.09
N LYS A 386 -25.42 -6.38 24.84
CA LYS A 386 -24.42 -7.39 25.13
C LYS A 386 -23.23 -7.32 24.17
N ALA A 387 -23.49 -7.04 22.88
CA ALA A 387 -22.39 -6.94 21.92
C ALA A 387 -21.43 -5.81 22.32
N LEU A 388 -21.97 -4.69 22.77
CA LEU A 388 -21.10 -3.59 23.18
C LEU A 388 -20.27 -3.98 24.40
N LYS A 389 -20.88 -4.70 25.36
CA LYS A 389 -20.12 -5.19 26.51
C LYS A 389 -19.09 -6.22 26.07
N ILE A 390 -19.44 -7.11 25.14
CA ILE A 390 -18.45 -8.07 24.68
C ILE A 390 -17.30 -7.36 23.99
N ILE A 391 -17.61 -6.37 23.15
CA ILE A 391 -16.54 -5.58 22.53
C ILE A 391 -15.65 -4.98 23.61
N GLY A 392 -16.25 -4.37 24.65
CA GLY A 392 -15.44 -3.78 25.72
C GLY A 392 -14.49 -4.79 26.34
N LEU A 393 -14.97 -6.02 26.57
CA LEU A 393 -14.23 -7.05 27.27
C LEU A 393 -13.15 -7.69 26.42
N MET A 394 -13.22 -7.54 25.11
CA MET A 394 -12.31 -8.23 24.22
C MET A 394 -11.40 -7.28 23.46
N LYS A 395 -11.70 -6.00 23.40
CA LYS A 395 -10.99 -5.23 22.37
C LYS A 395 -9.51 -5.04 22.70
N GLU A 396 -9.14 -5.02 23.99
CA GLU A 396 -7.73 -4.79 24.35
C GLU A 396 -6.81 -5.85 23.77
N ARG A 397 -7.27 -7.09 23.70
CA ARG A 397 -6.43 -8.15 23.16
C ARG A 397 -6.63 -8.35 21.67
N ALA A 398 -7.52 -7.61 21.03
CA ALA A 398 -7.79 -7.77 19.61
C ALA A 398 -6.85 -6.92 18.76
N THR A 399 -6.56 -7.43 17.55
CA THR A 399 -5.88 -6.71 16.47
C THR A 399 -6.85 -6.29 15.37
N PHE A 400 -7.80 -7.16 15.03
CA PHE A 400 -8.86 -6.94 14.04
C PHE A 400 -10.20 -7.08 14.75
N VAL A 401 -11.22 -6.39 14.23
CA VAL A 401 -12.57 -6.54 14.81
C VAL A 401 -12.99 -8.00 14.82
N LYS A 402 -12.69 -8.74 13.75
CA LYS A 402 -13.11 -10.12 13.72
C LYS A 402 -12.50 -10.96 14.86
N ASP A 403 -11.38 -10.53 15.43
CA ASP A 403 -10.79 -11.26 16.56
C ASP A 403 -11.75 -11.35 17.74
N ILE A 404 -12.60 -10.34 17.89
CA ILE A 404 -13.51 -10.25 19.01
C ILE A 404 -14.48 -11.41 18.99
N TYR A 405 -14.87 -11.85 17.80
CA TYR A 405 -15.63 -13.09 17.68
C TYR A 405 -14.70 -14.30 17.67
N ASN A 406 -13.69 -14.32 16.79
CA ASN A 406 -12.92 -15.54 16.57
C ASN A 406 -12.22 -15.99 17.85
N ASP A 407 -11.76 -15.05 18.67
CA ASP A 407 -11.13 -15.38 19.94
C ASP A 407 -12.12 -15.41 21.09
N GLY A 408 -13.40 -15.10 20.83
CA GLY A 408 -14.42 -15.04 21.85
C GLY A 408 -15.59 -15.98 21.56
N LYS A 409 -15.32 -17.14 20.96
CA LYS A 409 -16.43 -17.96 20.49
C LYS A 409 -17.28 -18.48 21.64
N PHE A 410 -16.69 -18.60 22.84
CA PHE A 410 -17.40 -19.07 24.02
C PHE A 410 -18.52 -18.12 24.45
N PHE A 411 -18.59 -16.90 23.91
CA PHE A 411 -19.73 -16.04 24.24
C PHE A 411 -21.01 -16.54 23.58
N PHE A 412 -20.87 -17.28 22.49
CA PHE A 412 -21.96 -17.64 21.62
C PHE A 412 -22.15 -19.15 21.45
N HIS A 413 -21.17 -19.95 21.90
CA HIS A 413 -21.19 -21.40 21.65
C HIS A 413 -20.67 -22.11 22.88
N ALA A 414 -21.42 -23.11 23.35
CA ALA A 414 -20.95 -23.95 24.45
C ALA A 414 -19.81 -24.84 23.98
N PRO A 415 -18.88 -25.17 24.86
CA PRO A 415 -17.82 -26.10 24.47
C PRO A 415 -18.37 -27.51 24.26
N GLU A 416 -17.87 -28.19 23.24
CA GLU A 416 -18.25 -29.57 22.99
C GLU A 416 -17.20 -30.57 23.49
N SER A 417 -16.01 -30.10 23.84
CA SER A 417 -15.01 -30.91 24.54
C SER A 417 -14.15 -29.99 25.39
N PHE A 418 -13.34 -30.59 26.24
CA PHE A 418 -12.50 -29.89 27.21
C PHE A 418 -11.04 -30.28 26.99
N ASP A 419 -10.18 -29.29 26.85
CA ASP A 419 -8.76 -29.51 26.63
C ASP A 419 -8.18 -30.43 27.71
N GLU A 420 -7.49 -31.49 27.26
CA GLU A 420 -7.01 -32.52 28.19
C GLU A 420 -6.01 -31.94 29.19
N LYS A 421 -5.06 -31.12 28.70
CA LYS A 421 -4.11 -30.48 29.59
C LYS A 421 -4.83 -29.60 30.61
N ALA A 422 -5.72 -28.74 30.12
CA ALA A 422 -6.50 -27.88 31.00
C ALA A 422 -7.29 -28.71 32.03
N SER A 423 -7.85 -29.84 31.61
CA SER A 423 -8.62 -30.66 32.56
C SER A 423 -7.74 -31.21 33.67
N LYS A 424 -6.51 -31.64 33.35
CA LYS A 424 -5.64 -32.15 34.40
C LYS A 424 -5.22 -31.05 35.38
N LYS A 425 -5.02 -29.83 34.87
CA LYS A 425 -4.68 -28.70 35.74
C LYS A 425 -5.85 -28.29 36.62
N ALA A 426 -7.04 -28.10 36.02
CA ALA A 426 -8.16 -27.40 36.66
C ALA A 426 -9.21 -28.29 37.32
N TRP A 427 -9.24 -29.59 37.04
CA TRP A 427 -10.36 -30.43 37.48
C TRP A 427 -9.83 -31.63 38.24
N SER A 428 -10.19 -31.71 39.52
CA SER A 428 -9.76 -32.70 40.49
C SER A 428 -10.95 -33.56 40.92
N PRO A 429 -10.70 -34.69 41.61
CA PRO A 429 -11.83 -35.56 42.01
C PRO A 429 -12.87 -34.90 42.90
N GLU A 430 -12.60 -33.75 43.51
CA GLU A 430 -13.60 -33.06 44.31
C GLU A 430 -14.33 -32.01 43.51
N THR A 431 -13.91 -31.77 42.29
CA THR A 431 -14.38 -30.57 41.59
C THR A 431 -15.87 -30.67 41.24
N ALA A 432 -16.34 -31.87 40.88
CA ALA A 432 -17.75 -32.06 40.54
C ALA A 432 -18.66 -31.56 41.65
N VAL A 433 -18.39 -31.98 42.89
CA VAL A 433 -19.25 -31.58 44.01
C VAL A 433 -19.17 -30.08 44.22
N LEU A 434 -17.98 -29.51 44.04
CA LEU A 434 -17.80 -28.07 44.20
C LEU A 434 -18.61 -27.30 43.17
N MET A 435 -18.58 -27.75 41.91
CA MET A 435 -19.30 -27.04 40.85
C MET A 435 -20.81 -27.13 41.06
N GLN A 436 -21.31 -28.27 41.55
CA GLN A 436 -22.74 -28.34 41.84
C GLN A 436 -23.12 -27.42 42.98
N GLU A 437 -22.29 -27.36 44.04
CA GLU A 437 -22.52 -26.35 45.08
C GLU A 437 -22.49 -24.93 44.51
N LEU A 438 -21.53 -24.65 43.62
CA LEU A 438 -21.51 -23.35 42.95
C LEU A 438 -22.83 -23.08 42.23
N THR A 439 -23.34 -24.08 41.48
CA THR A 439 -24.63 -23.91 40.82
C THR A 439 -25.72 -23.55 41.82
N GLU A 440 -25.73 -24.23 42.96
CA GLU A 440 -26.76 -23.94 43.94
C GLU A 440 -26.64 -22.52 44.44
N ALA A 441 -25.42 -22.03 44.63
CA ALA A 441 -25.21 -20.66 45.12
C ALA A 441 -25.70 -19.61 44.11
N ILE A 442 -25.28 -19.73 42.84
CA ILE A 442 -25.57 -18.69 41.86
C ILE A 442 -26.99 -18.73 41.32
N SER A 443 -27.72 -19.83 41.55
CA SER A 443 -29.03 -19.97 40.94
C SER A 443 -30.03 -18.91 41.40
N SER A 444 -29.80 -18.25 42.54
CA SER A 444 -30.74 -17.28 43.07
C SER A 444 -30.25 -15.84 42.96
N LEU A 445 -29.15 -15.59 42.25
CA LEU A 445 -28.54 -14.28 42.26
C LEU A 445 -29.22 -13.33 41.28
N ASP A 446 -29.14 -12.04 41.60
CA ASP A 446 -29.14 -11.01 40.57
C ASP A 446 -27.86 -11.17 39.75
N PHE A 447 -27.99 -11.61 38.50
CA PHE A 447 -26.87 -12.21 37.77
C PHE A 447 -25.98 -11.14 37.14
N LYS A 448 -25.35 -10.36 38.01
CA LYS A 448 -24.41 -9.32 37.64
C LYS A 448 -23.00 -9.75 38.01
N ALA A 449 -22.02 -9.27 37.25
CA ALA A 449 -20.64 -9.73 37.44
C ALA A 449 -20.18 -9.58 38.88
N GLU A 450 -20.34 -8.38 39.47
CA GLU A 450 -19.78 -8.17 40.80
C GLU A 450 -20.52 -8.99 41.87
N ILE A 451 -21.83 -9.19 41.67
CA ILE A 451 -22.63 -9.99 42.60
C ILE A 451 -22.22 -11.45 42.48
N ILE A 452 -22.05 -11.93 41.24
CA ILE A 452 -21.54 -13.27 41.01
C ILE A 452 -20.19 -13.43 41.66
N LYS A 453 -19.30 -12.47 41.46
CA LYS A 453 -17.97 -12.56 42.05
C LYS A 453 -18.05 -12.67 43.57
N GLU A 454 -18.93 -11.89 44.21
CA GLU A 454 -19.03 -11.97 45.66
C GLU A 454 -19.58 -13.33 46.10
N SER A 455 -20.52 -13.88 45.34
CA SER A 455 -21.06 -15.19 45.68
C SER A 455 -20.01 -16.28 45.54
N ILE A 456 -19.15 -16.18 44.54
CA ILE A 456 -18.08 -17.15 44.38
C ILE A 456 -17.09 -17.00 45.52
N HIS A 457 -16.76 -15.76 45.88
CA HIS A 457 -15.89 -15.52 47.02
C HIS A 457 -16.47 -16.13 48.31
N HIS A 458 -17.79 -16.01 48.52
CA HIS A 458 -18.38 -16.53 49.75
C HIS A 458 -18.31 -18.04 49.79
N LEU A 459 -18.48 -18.70 48.64
CA LEU A 459 -18.38 -20.15 48.60
C LEU A 459 -16.95 -20.59 48.89
N ALA A 460 -15.98 -19.92 48.26
CA ALA A 460 -14.58 -20.21 48.51
C ALA A 460 -14.24 -20.11 49.99
N GLU A 461 -14.60 -18.99 50.64
CA GLU A 461 -14.16 -18.86 52.02
C GLU A 461 -14.94 -19.78 52.96
N ALA A 462 -16.18 -20.14 52.63
CA ALA A 462 -16.84 -21.14 53.44
C ALA A 462 -16.17 -22.50 53.28
N LYS A 463 -15.57 -22.77 52.14
CA LYS A 463 -14.92 -24.05 51.92
C LYS A 463 -13.43 -24.02 52.25
N GLY A 464 -12.91 -22.87 52.64
CA GLY A 464 -11.49 -22.75 52.93
C GLY A 464 -10.60 -22.75 51.70
N LEU A 465 -11.09 -22.26 50.57
CA LEU A 465 -10.35 -22.34 49.31
C LEU A 465 -9.98 -20.95 48.80
N GLY A 466 -8.85 -20.87 48.11
CA GLY A 466 -8.57 -19.69 47.32
C GLY A 466 -9.56 -19.54 46.19
N MET A 467 -9.71 -18.30 45.71
CA MET A 467 -10.59 -18.02 44.58
C MET A 467 -10.30 -18.91 43.37
N GLY A 468 -9.02 -19.19 43.12
CA GLY A 468 -8.66 -19.95 41.94
C GLY A 468 -9.23 -21.35 41.91
N LYS A 469 -9.45 -21.93 43.08
CA LYS A 469 -10.00 -23.29 43.15
C LYS A 469 -11.42 -23.34 42.60
N VAL A 470 -12.14 -22.22 42.63
CA VAL A 470 -13.45 -22.19 41.99
C VAL A 470 -13.35 -21.64 40.58
N MET A 471 -12.58 -20.55 40.40
CA MET A 471 -12.56 -19.88 39.11
C MET A 471 -11.96 -20.76 38.02
N MET A 472 -10.97 -21.58 38.34
CA MET A 472 -10.30 -22.31 37.26
C MET A 472 -11.18 -23.41 36.70
N PRO A 473 -11.74 -24.33 37.50
CA PRO A 473 -12.69 -25.30 36.91
C PRO A 473 -13.89 -24.63 36.29
N LEU A 474 -14.31 -23.47 36.82
CA LEU A 474 -15.44 -22.76 36.25
C LEU A 474 -15.10 -22.24 34.85
N ARG A 475 -13.93 -21.60 34.70
CA ARG A 475 -13.52 -21.17 33.36
C ARG A 475 -13.47 -22.37 32.40
N LEU A 476 -12.83 -23.47 32.82
CA LEU A 476 -12.80 -24.67 31.99
C LEU A 476 -14.22 -25.08 31.59
N SER A 477 -15.14 -25.06 32.55
CA SER A 477 -16.53 -25.45 32.27
C SER A 477 -17.16 -24.55 31.21
N LEU A 478 -16.95 -23.26 31.31
CA LEU A 478 -17.61 -22.34 30.40
C LEU A 478 -16.90 -22.21 29.04
N VAL A 479 -15.58 -22.36 29.00
CA VAL A 479 -14.81 -22.07 27.79
C VAL A 479 -14.29 -23.32 27.08
N GLY A 480 -14.12 -24.45 27.79
CA GLY A 480 -13.46 -25.64 27.26
C GLY A 480 -11.95 -25.63 27.36
N GLU A 481 -11.37 -24.50 27.78
CA GLU A 481 -9.94 -24.35 28.03
C GLU A 481 -9.79 -23.11 28.91
N LEU A 482 -8.56 -22.81 29.30
CA LEU A 482 -8.28 -21.69 30.20
C LEU A 482 -7.92 -20.44 29.39
N LYS A 483 -8.94 -19.93 28.70
CA LYS A 483 -8.85 -18.69 27.95
C LYS A 483 -10.05 -17.81 28.30
N GLY A 484 -10.05 -16.58 27.76
CA GLY A 484 -11.14 -15.65 27.92
C GLY A 484 -10.96 -14.58 28.99
N PRO A 485 -11.91 -13.67 29.11
CA PRO A 485 -11.79 -12.59 30.10
C PRO A 485 -12.24 -13.10 31.47
N ASP A 486 -12.53 -12.19 32.40
CA ASP A 486 -12.79 -12.63 33.76
C ASP A 486 -14.07 -13.44 33.81
N VAL A 487 -14.04 -14.51 34.61
CA VAL A 487 -15.18 -15.45 34.65
C VAL A 487 -16.48 -14.77 35.02
N PRO A 488 -16.57 -13.90 36.03
CA PRO A 488 -17.88 -13.33 36.36
C PRO A 488 -18.47 -12.52 35.21
N ASP A 489 -17.65 -11.79 34.45
CA ASP A 489 -18.18 -11.06 33.31
C ASP A 489 -18.62 -12.01 32.20
N LEU A 490 -17.84 -13.07 31.95
CA LEU A 490 -18.29 -14.10 31.01
C LEU A 490 -19.66 -14.64 31.40
N MET A 491 -19.84 -14.98 32.69
CA MET A 491 -21.12 -15.51 33.13
C MET A 491 -22.23 -14.48 32.93
N GLU A 492 -21.98 -13.21 33.27
CA GLU A 492 -23.05 -12.22 33.08
C GLU A 492 -23.48 -12.16 31.61
N MET A 493 -22.51 -12.13 30.68
CA MET A 493 -22.83 -12.10 29.25
C MET A 493 -23.62 -13.32 28.81
N ILE A 494 -23.15 -14.53 29.14
CA ILE A 494 -23.89 -15.67 28.60
C ILE A 494 -25.17 -15.94 29.37
N GLY A 495 -25.31 -15.44 30.61
CA GLY A 495 -26.57 -15.55 31.32
C GLY A 495 -26.62 -16.73 32.29
N LYS A 496 -27.55 -16.62 33.24
CA LYS A 496 -27.67 -17.63 34.29
C LYS A 496 -27.94 -19.00 33.70
N GLU A 497 -28.92 -19.09 32.78
CA GLU A 497 -29.33 -20.40 32.28
C GLU A 497 -28.20 -21.09 31.51
N GLU A 498 -27.55 -20.35 30.61
CA GLU A 498 -26.44 -20.91 29.84
C GLU A 498 -25.26 -21.27 30.74
N THR A 499 -25.00 -20.46 31.78
CA THR A 499 -23.92 -20.76 32.72
C THR A 499 -24.15 -22.10 33.41
N ILE A 500 -25.32 -22.27 34.04
CA ILE A 500 -25.61 -23.53 34.76
C ILE A 500 -25.58 -24.71 33.81
N SER A 501 -26.20 -24.55 32.65
CA SER A 501 -26.25 -25.61 31.65
C SER A 501 -24.84 -26.06 31.26
N ARG A 502 -23.87 -25.14 31.21
CA ARG A 502 -22.50 -25.53 30.87
C ARG A 502 -21.80 -26.18 32.05
N ILE A 503 -22.04 -25.70 33.27
CA ILE A 503 -21.51 -26.38 34.46
C ILE A 503 -22.02 -27.83 34.54
N ASN A 504 -23.32 -28.04 34.26
CA ASN A 504 -23.91 -29.39 34.25
C ASN A 504 -23.19 -30.30 33.26
N LYS A 505 -22.97 -29.81 32.05
CA LYS A 505 -22.34 -30.62 31.01
C LYS A 505 -20.92 -30.96 31.37
N ALA A 506 -20.20 -29.99 31.96
CA ALA A 506 -18.84 -30.24 32.43
C ALA A 506 -18.83 -31.32 33.51
N ILE A 507 -19.75 -31.21 34.49
CA ILE A 507 -19.83 -32.22 35.54
C ILE A 507 -20.07 -33.60 34.93
N GLU A 508 -21.02 -33.67 33.99
CA GLU A 508 -21.35 -34.94 33.37
C GLU A 508 -20.17 -35.48 32.58
N THR A 509 -19.35 -34.60 32.02
CA THR A 509 -18.24 -35.05 31.19
C THR A 509 -16.99 -35.37 32.00
N LEU A 510 -16.69 -34.62 33.05
CA LEU A 510 -15.38 -34.73 33.69
C LEU A 510 -15.36 -35.42 35.04
N LYS A 511 -16.49 -35.68 35.67
CA LYS A 511 -16.40 -36.39 36.95
C LYS A 511 -16.22 -37.86 36.65
N GLU B . 4.34 6.20 -15.00
CA GLU B . 5.46 6.36 -14.04
C GLU B . 5.44 5.27 -12.94
O GLU B . 6.37 5.14 -12.12
CB GLU B . 5.41 7.76 -13.42
CG GLU B . 6.73 8.23 -12.83
CD GLU B . 6.69 9.70 -12.47
OE1 GLU B . 7.31 10.52 -13.23
OE2 GLU B . 6.02 10.02 -11.44
OXT GLU B . 4.48 4.47 -12.88
C1 EDO C . 11.91 7.46 1.46
O1 EDO C . 13.01 8.22 0.90
C2 EDO C . 12.34 6.84 2.79
O2 EDO C . 13.35 5.83 2.64
C1 EDO D . -3.12 28.12 -1.54
O1 EDO D . -2.16 28.30 -2.61
C2 EDO D . -2.45 28.36 -0.18
O2 EDO D . -1.70 29.57 -0.25
C1 EDO E . -30.41 -14.15 32.33
O1 EDO E . -29.32 -14.19 33.26
C2 EDO E . -30.26 -15.29 31.32
O2 EDO E . -30.35 -16.58 31.98
#